data_2VP8
#
_entry.id   2VP8
#
_cell.length_a   80.727
_cell.length_b   80.727
_cell.length_c   215.938
_cell.angle_alpha   90.00
_cell.angle_beta   90.00
_cell.angle_gamma   120.00
#
_symmetry.space_group_name_H-M   'P 32 2 1'
#
loop_
_entity.id
_entity.type
_entity.pdbx_description
1 polymer 'DIHYDROPTEROATE SYNTHASE 2'
2 non-polymer 1,2-ETHANEDIOL
3 water water
#
_entity_poly.entity_id   1
_entity_poly.type   'polypeptide(L)'
_entity_poly.pdbx_seq_one_letter_code
;VRSTPPASAGRSTPPALAGHSTPPALAGHSTLCGRPVAGDRALIMAIVNRTPDSFYDKGATFSDAAARDAVHRAVADGAD
VIDVGGVKAGPGERVDVDTEITRLVPFIEWLRGAYPDQLISVDTWRAQVAKAACAAGADLINDTWGGVDPAMPEVAAEFG
AGLVCAHTGGALPRTRPFRVSYGTTTRGVVDAVISQVTAAAERAVAAGVAREKVLIDPAHDFGKNTFHGLLLLRHVADLV
MTGWPVLMALSNKDVVGETLGVDLTERLEGTLAATALAAAAGARMFRVHEVAATRRVLEMVASIQGVRPPTRTVRGLA
;
_entity_poly.pdbx_strand_id   A,B
#
loop_
_chem_comp.id
_chem_comp.type
_chem_comp.name
_chem_comp.formula
EDO non-polymer 1,2-ETHANEDIOL 'C2 H6 O2'
#
# COMPACT_ATOMS: atom_id res chain seq x y z
N ALA A 27 24.26 2.90 -10.02
CA ALA A 27 23.95 1.73 -10.88
C ALA A 27 23.22 0.65 -10.07
N GLY A 28 21.95 0.37 -10.40
CA GLY A 28 21.30 0.86 -11.62
C GLY A 28 20.45 2.10 -11.43
N HIS A 29 21.13 3.22 -11.19
CA HIS A 29 20.48 4.53 -11.02
CA HIS A 29 20.47 4.52 -11.02
C HIS A 29 20.00 5.07 -12.35
N SER A 30 18.93 5.86 -12.33
CA SER A 30 18.57 6.67 -13.47
C SER A 30 18.73 8.11 -13.02
N THR A 31 18.37 9.06 -13.87
CA THR A 31 18.75 10.44 -13.61
C THR A 31 17.57 11.42 -13.63
N LEU A 32 17.57 12.35 -12.69
CA LEU A 32 16.65 13.50 -12.71
C LEU A 32 17.45 14.78 -12.54
N CYS A 33 17.17 15.77 -13.39
CA CYS A 33 17.92 17.02 -13.40
C CYS A 33 19.43 16.75 -13.44
N GLY A 34 19.82 15.74 -14.19
CA GLY A 34 21.25 15.39 -14.36
C GLY A 34 21.88 14.67 -13.17
N ARG A 35 21.09 14.37 -12.15
CA ARG A 35 21.64 13.81 -10.92
C ARG A 35 21.17 12.38 -10.66
N PRO A 36 22.06 11.55 -10.07
CA PRO A 36 21.68 10.16 -9.83
C PRO A 36 20.50 10.08 -8.87
N VAL A 37 19.64 9.11 -9.17
CA VAL A 37 18.35 8.98 -8.51
C VAL A 37 18.01 7.50 -8.54
N ALA A 38 17.32 7.03 -7.52
CA ALA A 38 16.95 5.62 -7.43
C ALA A 38 16.35 5.20 -8.76
N GLY A 39 16.87 4.11 -9.33
CA GLY A 39 16.45 3.70 -10.65
C GLY A 39 15.50 2.53 -10.59
N ASP A 40 15.22 2.03 -9.39
CA ASP A 40 14.38 0.85 -9.24
C ASP A 40 13.22 0.99 -8.27
N ARG A 41 12.76 2.22 -8.04
CA ARG A 41 11.55 2.48 -7.26
C ARG A 41 11.17 3.92 -7.51
N ALA A 42 9.95 4.30 -7.12
CA ALA A 42 9.57 5.70 -7.08
C ALA A 42 10.51 6.49 -6.16
N LEU A 43 10.61 7.79 -6.42
CA LEU A 43 11.56 8.66 -5.75
C LEU A 43 11.03 9.28 -4.46
N ILE A 44 11.95 9.66 -3.59
CA ILE A 44 11.59 10.35 -2.35
C ILE A 44 12.17 11.76 -2.32
N MET A 45 11.32 12.73 -2.00
CA MET A 45 11.75 14.11 -1.75
C MET A 45 11.66 14.38 -0.25
N ALA A 46 12.80 14.58 0.40
CA ALA A 46 12.83 14.81 1.85
C ALA A 46 12.70 16.29 2.17
N ILE A 47 11.72 16.63 3.01
CA ILE A 47 11.55 18.00 3.49
C ILE A 47 12.55 18.29 4.61
N VAL A 48 13.38 19.30 4.39
CA VAL A 48 14.23 19.87 5.44
C VAL A 48 13.96 21.37 5.49
N ASN A 49 13.64 21.85 6.70
CA ASN A 49 13.33 23.27 6.90
C ASN A 49 14.26 23.93 7.91
N ASP A 64 19.67 24.96 12.10
CA ASP A 64 21.03 25.11 11.56
C ASP A 64 21.83 23.80 11.69
N ALA A 65 22.14 23.41 12.92
CA ALA A 65 22.82 22.15 13.19
C ALA A 65 21.87 20.97 12.94
N ALA A 66 20.72 21.00 13.62
CA ALA A 66 19.69 19.99 13.48
C ALA A 66 19.16 19.93 12.04
N ALA A 67 19.40 21.01 11.29
CA ALA A 67 19.06 21.06 9.87
C ALA A 67 20.05 20.23 9.06
N ARG A 68 21.35 20.43 9.32
CA ARG A 68 22.40 19.65 8.65
C ARG A 68 22.24 18.16 8.97
N ASP A 69 21.91 17.86 10.21
CA ASP A 69 21.67 16.48 10.65
C ASP A 69 20.50 15.85 9.90
N ALA A 70 19.44 16.63 9.69
CA ALA A 70 18.27 16.16 8.96
C ALA A 70 18.64 15.77 7.54
N VAL A 71 19.56 16.50 6.93
CA VAL A 71 20.05 16.17 5.59
C VAL A 71 20.87 14.89 5.61
N HIS A 72 21.77 14.78 6.58
CA HIS A 72 22.53 13.56 6.79
C HIS A 72 21.62 12.34 6.94
N ARG A 73 20.59 12.44 7.79
CA ARG A 73 19.65 11.35 8.00
C ARG A 73 18.86 11.02 6.73
N ALA A 74 18.36 12.06 6.06
CA ALA A 74 17.60 11.87 4.82
C ALA A 74 18.42 11.19 3.71
N VAL A 75 19.67 11.60 3.53
CA VAL A 75 20.54 11.06 2.49
C VAL A 75 20.86 9.60 2.76
N ALA A 76 21.18 9.31 4.03
CA ALA A 76 21.47 7.96 4.48
C ALA A 76 20.25 7.04 4.29
N ASP A 77 19.06 7.60 4.52
CA ASP A 77 17.83 6.86 4.34
C ASP A 77 17.41 6.77 2.86
N GLY A 78 18.20 7.36 1.97
CA GLY A 78 17.97 7.25 0.54
C GLY A 78 17.03 8.28 -0.08
N ALA A 79 16.93 9.46 0.55
CA ALA A 79 16.22 10.58 -0.06
C ALA A 79 16.87 10.93 -1.40
N ASP A 80 16.07 10.95 -2.45
CA ASP A 80 16.57 11.26 -3.79
C ASP A 80 16.69 12.75 -4.01
N VAL A 81 15.85 13.50 -3.30
CA VAL A 81 15.83 14.95 -3.37
C VAL A 81 15.74 15.49 -1.96
N ILE A 82 16.54 16.51 -1.66
CA ILE A 82 16.39 17.24 -0.40
C ILE A 82 15.70 18.57 -0.65
N ASP A 83 14.43 18.65 -0.25
CA ASP A 83 13.66 19.88 -0.39
C ASP A 83 13.98 20.85 0.73
N VAL A 84 14.60 21.96 0.37
CA VAL A 84 15.17 22.92 1.33
C VAL A 84 14.28 24.15 1.36
N GLY A 85 13.77 24.47 2.55
CA GLY A 85 12.89 25.63 2.72
C GLY A 85 12.35 25.73 4.13
N ASP A 96 11.05 39.44 4.35
CA ASP A 96 11.75 40.05 3.22
C ASP A 96 12.71 39.06 2.55
N VAL A 97 12.95 39.27 1.27
CA VAL A 97 13.77 38.34 0.47
C VAL A 97 15.21 38.23 0.99
N ASP A 98 15.75 39.35 1.47
CA ASP A 98 17.15 39.42 1.91
C ASP A 98 17.48 38.45 3.05
N THR A 99 16.63 38.43 4.08
CA THR A 99 16.87 37.57 5.23
C THR A 99 16.60 36.08 4.91
N GLU A 100 15.63 35.83 4.03
CA GLU A 100 15.31 34.47 3.59
C GLU A 100 16.46 33.93 2.75
N ILE A 101 17.04 34.80 1.91
CA ILE A 101 18.14 34.42 1.01
C ILE A 101 19.45 34.20 1.78
N THR A 102 19.83 35.15 2.62
CA THR A 102 21.11 35.08 3.35
C THR A 102 21.16 33.88 4.30
N ARG A 103 19.99 33.33 4.60
CA ARG A 103 19.90 32.12 5.39
C ARG A 103 19.96 30.89 4.46
N LEU A 104 19.20 30.94 3.37
CA LEU A 104 19.10 29.84 2.41
C LEU A 104 20.39 29.53 1.64
N VAL A 105 20.98 30.53 1.01
CA VAL A 105 22.15 30.33 0.14
C VAL A 105 23.26 29.51 0.79
N PRO A 106 23.79 29.93 1.96
CA PRO A 106 24.95 29.22 2.50
C PRO A 106 24.64 27.75 2.73
N PHE A 107 23.41 27.45 3.11
CA PHE A 107 22.98 26.09 3.39
C PHE A 107 23.00 25.21 2.14
N ILE A 108 22.53 25.75 1.02
CA ILE A 108 22.53 25.04 -0.26
C ILE A 108 23.95 24.89 -0.81
N GLU A 109 24.79 25.89 -0.52
CA GLU A 109 26.19 25.82 -0.86
C GLU A 109 26.88 24.76 -0.01
N TRP A 110 26.40 24.59 1.22
CA TRP A 110 26.93 23.56 2.11
C TRP A 110 26.50 22.18 1.63
N LEU A 111 25.20 22.03 1.36
CA LEU A 111 24.62 20.79 0.88
C LEU A 111 25.36 20.31 -0.35
N ARG A 112 25.57 21.24 -1.30
CA ARG A 112 26.21 20.92 -2.56
C ARG A 112 27.60 20.39 -2.30
N GLY A 113 28.35 21.08 -1.44
CA GLY A 113 29.71 20.70 -1.10
C GLY A 113 29.77 19.40 -0.34
N ALA A 114 28.83 19.18 0.58
CA ALA A 114 28.80 17.97 1.41
C ALA A 114 28.30 16.75 0.65
N TYR A 115 27.42 16.98 -0.32
CA TYR A 115 26.89 15.92 -1.15
C TYR A 115 26.88 16.37 -2.61
N PRO A 116 28.02 16.23 -3.29
CA PRO A 116 28.18 16.75 -4.65
C PRO A 116 27.16 16.23 -5.66
N ASP A 117 26.69 14.99 -5.49
CA ASP A 117 25.76 14.41 -6.46
C ASP A 117 24.29 14.37 -5.99
N GLN A 118 23.95 15.19 -5.01
CA GLN A 118 22.60 15.20 -4.47
C GLN A 118 21.67 16.20 -5.18
N LEU A 119 20.51 15.72 -5.62
CA LEU A 119 19.52 16.60 -6.20
C LEU A 119 18.99 17.46 -5.07
N ILE A 120 18.95 18.77 -5.29
CA ILE A 120 18.49 19.71 -4.27
C ILE A 120 17.33 20.54 -4.80
N SER A 121 16.24 20.60 -4.04
CA SER A 121 15.14 21.44 -4.41
C SER A 121 14.95 22.56 -3.41
N VAL A 122 14.55 23.71 -3.92
CA VAL A 122 14.24 24.86 -3.08
C VAL A 122 12.73 25.07 -2.97
N ASP A 123 12.27 25.17 -1.73
CA ASP A 123 10.89 25.43 -1.42
C ASP A 123 10.73 26.95 -1.23
N THR A 124 10.34 27.62 -2.31
CA THR A 124 10.06 29.05 -2.28
C THR A 124 9.09 29.40 -3.41
N TRP A 125 8.41 30.55 -3.27
CA TRP A 125 7.45 31.00 -4.25
C TRP A 125 7.90 32.27 -4.99
N ARG A 126 8.95 32.92 -4.51
CA ARG A 126 9.47 34.10 -5.20
C ARG A 126 10.69 33.82 -6.05
N ALA A 127 10.65 34.34 -7.28
CA ALA A 127 11.72 34.15 -8.27
C ALA A 127 13.07 34.55 -7.69
N GLN A 128 13.12 35.74 -7.11
CA GLN A 128 14.33 36.28 -6.49
C GLN A 128 15.01 35.24 -5.60
N VAL A 129 14.25 34.67 -4.67
CA VAL A 129 14.79 33.68 -3.74
C VAL A 129 15.24 32.42 -4.50
N ALA A 130 14.39 31.95 -5.40
CA ALA A 130 14.72 30.82 -6.27
C ALA A 130 15.99 31.04 -7.09
N LYS A 131 16.12 32.23 -7.67
CA LYS A 131 17.28 32.60 -8.49
C LYS A 131 18.56 32.53 -7.67
N ALA A 132 18.50 33.03 -6.44
CA ALA A 132 19.63 32.96 -5.52
C ALA A 132 19.93 31.52 -5.09
N ALA A 133 18.90 30.68 -5.08
CA ALA A 133 19.04 29.29 -4.65
C ALA A 133 19.70 28.45 -5.73
N CYS A 134 19.30 28.69 -6.98
CA CYS A 134 19.88 28.00 -8.12
C CYS A 134 21.33 28.40 -8.33
N ALA A 135 21.63 29.67 -8.05
CA ALA A 135 23.00 30.16 -8.09
C ALA A 135 23.86 29.48 -7.03
N ALA A 136 23.24 29.09 -5.91
CA ALA A 136 23.94 28.40 -4.84
C ALA A 136 24.17 26.93 -5.17
N GLY A 137 23.29 26.36 -5.99
CA GLY A 137 23.43 24.98 -6.43
C GLY A 137 22.15 24.17 -6.60
N ALA A 138 21.01 24.79 -6.31
CA ALA A 138 19.71 24.10 -6.37
C ALA A 138 19.40 23.57 -7.76
N ASP A 139 18.95 22.32 -7.82
CA ASP A 139 18.65 21.67 -9.10
C ASP A 139 17.20 21.83 -9.55
N LEU A 140 16.32 21.99 -8.56
CA LEU A 140 14.88 21.93 -8.81
C LEU A 140 14.18 23.00 -8.00
N ILE A 141 13.37 23.81 -8.67
CA ILE A 141 12.56 24.78 -7.97
C ILE A 141 11.25 24.11 -7.59
N ASN A 142 11.02 23.96 -6.29
CA ASN A 142 9.75 23.45 -5.82
C ASN A 142 8.80 24.59 -5.52
N ASP A 143 8.15 25.08 -6.57
CA ASP A 143 7.19 26.18 -6.46
C ASP A 143 5.96 25.68 -5.72
N THR A 144 5.98 25.86 -4.41
CA THR A 144 4.99 25.27 -3.51
C THR A 144 3.65 26.03 -3.50
N TRP A 145 3.61 27.20 -4.12
CA TRP A 145 2.39 28.02 -4.19
C TRP A 145 1.77 28.06 -5.59
N GLY A 146 2.21 27.17 -6.48
CA GLY A 146 1.60 26.99 -7.79
C GLY A 146 1.72 28.11 -8.81
N GLY A 147 2.79 28.90 -8.73
CA GLY A 147 3.05 29.93 -9.74
C GLY A 147 2.50 31.32 -9.45
N VAL A 148 2.64 31.77 -8.21
CA VAL A 148 2.26 33.11 -7.80
C VAL A 148 3.16 34.14 -8.49
N ASP A 149 4.45 33.86 -8.55
CA ASP A 149 5.41 34.71 -9.26
C ASP A 149 5.54 34.23 -10.71
N PRO A 150 5.15 35.09 -11.68
CA PRO A 150 5.11 34.73 -13.10
C PRO A 150 6.48 34.56 -13.74
N ALA A 151 7.52 35.08 -13.08
CA ALA A 151 8.89 34.97 -13.57
C ALA A 151 9.54 33.65 -13.17
N MET A 152 8.85 32.86 -12.37
CA MET A 152 9.40 31.61 -11.86
C MET A 152 9.98 30.72 -12.99
N PRO A 153 9.18 30.43 -14.04
CA PRO A 153 9.67 29.57 -15.11
C PRO A 153 10.86 30.15 -15.87
N GLU A 154 10.98 31.48 -15.91
CA GLU A 154 12.13 32.13 -16.53
C GLU A 154 13.41 31.84 -15.74
N VAL A 155 13.31 31.86 -14.42
CA VAL A 155 14.44 31.57 -13.54
C VAL A 155 14.91 30.13 -13.69
N ALA A 156 13.96 29.20 -13.77
CA ALA A 156 14.26 27.79 -13.98
C ALA A 156 14.94 27.58 -15.33
N ALA A 157 14.41 28.22 -16.38
CA ALA A 157 14.97 28.11 -17.73
C ALA A 157 16.39 28.65 -17.77
N GLU A 158 16.58 29.86 -17.21
CA GLU A 158 17.89 30.50 -17.13
C GLU A 158 18.96 29.52 -16.63
N PHE A 159 18.73 28.91 -15.47
CA PHE A 159 19.72 28.02 -14.85
C PHE A 159 19.74 26.59 -15.40
N GLY A 160 18.68 26.23 -16.13
CA GLY A 160 18.52 24.85 -16.60
C GLY A 160 18.03 23.98 -15.44
N ALA A 161 17.30 24.63 -14.53
CA ALA A 161 16.76 23.97 -13.35
C ALA A 161 15.46 23.29 -13.71
N GLY A 162 15.12 22.26 -12.95
CA GLY A 162 13.80 21.65 -13.01
C GLY A 162 12.77 22.52 -12.30
N LEU A 163 11.50 22.20 -12.50
CA LEU A 163 10.41 22.97 -11.89
C LEU A 163 9.25 22.10 -11.50
N VAL A 164 8.75 22.29 -10.28
CA VAL A 164 7.54 21.62 -9.87
C VAL A 164 6.37 22.54 -10.17
N CYS A 165 5.44 22.08 -10.99
CA CYS A 165 4.19 22.79 -11.25
C CYS A 165 3.13 22.25 -10.30
N ALA A 166 2.88 23.02 -9.25
CA ALA A 166 2.01 22.61 -8.17
C ALA A 166 0.60 23.16 -8.37
N HIS A 167 -0.38 22.47 -7.79
CA HIS A 167 -1.77 22.92 -7.77
C HIS A 167 -2.25 22.99 -6.33
N THR A 168 -2.69 24.17 -5.88
CA THR A 168 -3.42 24.28 -4.60
C THR A 168 -4.36 25.50 -4.51
N TYR A 182 -13.96 23.55 -4.13
CA TYR A 182 -14.23 23.37 -5.55
C TYR A 182 -15.51 22.55 -5.77
N GLY A 183 -16.63 23.26 -5.87
CA GLY A 183 -17.97 22.65 -5.84
C GLY A 183 -18.47 21.92 -7.08
N THR A 184 -17.58 21.69 -8.04
CA THR A 184 -17.90 20.97 -9.27
C THR A 184 -18.12 19.46 -9.06
N THR A 185 -18.19 18.71 -10.16
CA THR A 185 -18.37 17.26 -10.10
C THR A 185 -17.08 16.55 -9.73
N THR A 186 -17.21 15.26 -9.41
CA THR A 186 -16.08 14.40 -9.08
C THR A 186 -15.05 14.38 -10.20
N ARG A 187 -15.51 14.08 -11.42
CA ARG A 187 -14.66 14.11 -12.61
C ARG A 187 -14.15 15.53 -12.89
N GLY A 188 -14.94 16.53 -12.49
CA GLY A 188 -14.65 17.94 -12.69
C GLY A 188 -13.40 18.38 -11.96
N VAL A 189 -13.25 17.94 -10.71
CA VAL A 189 -12.07 18.25 -9.92
C VAL A 189 -10.82 17.70 -10.61
N VAL A 190 -10.83 16.40 -10.85
CA VAL A 190 -9.72 15.70 -11.51
C VAL A 190 -9.35 16.42 -12.81
N ASP A 191 -10.35 16.68 -13.65
CA ASP A 191 -10.15 17.35 -14.93
C ASP A 191 -9.59 18.77 -14.80
N ALA A 192 -9.99 19.49 -13.76
CA ALA A 192 -9.54 20.86 -13.57
C ALA A 192 -8.09 20.87 -13.05
N VAL A 193 -7.79 19.94 -12.16
CA VAL A 193 -6.47 19.81 -11.61
C VAL A 193 -5.52 19.43 -12.74
N ILE A 194 -5.81 18.31 -13.42
CA ILE A 194 -5.08 17.93 -14.64
C ILE A 194 -4.96 19.09 -15.62
N SER A 195 -6.08 19.72 -15.94
CA SER A 195 -6.06 20.81 -16.90
C SER A 195 -5.06 21.89 -16.51
N GLN A 196 -5.05 22.28 -15.24
CA GLN A 196 -4.29 23.45 -14.83
C GLN A 196 -2.83 23.18 -14.47
N VAL A 197 -2.52 21.95 -14.03
CA VAL A 197 -1.12 21.57 -13.86
C VAL A 197 -0.48 21.30 -15.22
N THR A 198 -1.26 20.70 -16.12
CA THR A 198 -0.78 20.33 -17.45
C THR A 198 -0.49 21.58 -18.28
N ALA A 199 -1.34 22.60 -18.12
CA ALA A 199 -1.14 23.88 -18.78
C ALA A 199 0.02 24.65 -18.15
N ALA A 200 0.26 24.43 -16.86
CA ALA A 200 1.33 25.12 -16.16
C ALA A 200 2.69 24.55 -16.57
N ALA A 201 2.74 23.23 -16.68
CA ALA A 201 3.91 22.52 -17.20
C ALA A 201 4.23 22.98 -18.61
N GLU A 202 3.23 22.98 -19.50
CA GLU A 202 3.42 23.44 -20.88
C GLU A 202 3.87 24.90 -20.92
N ARG A 203 3.46 25.67 -19.91
CA ARG A 203 3.87 27.07 -19.78
C ARG A 203 5.35 27.15 -19.44
N ALA A 204 5.83 26.23 -18.60
CA ALA A 204 7.24 26.15 -18.25
C ALA A 204 8.10 25.78 -19.46
N VAL A 205 7.69 24.74 -20.19
CA VAL A 205 8.42 24.33 -21.41
C VAL A 205 8.46 25.44 -22.47
N ALA A 206 7.39 26.23 -22.58
CA ALA A 206 7.35 27.38 -23.50
C ALA A 206 8.38 28.44 -23.08
N ALA A 207 8.51 28.65 -21.77
CA ALA A 207 9.48 29.57 -21.22
C ALA A 207 10.90 29.01 -21.33
N GLY A 208 11.01 27.76 -21.75
CA GLY A 208 12.32 27.17 -22.01
C GLY A 208 12.80 26.18 -20.97
N VAL A 209 11.99 25.93 -19.95
CA VAL A 209 12.29 24.90 -18.96
C VAL A 209 12.32 23.57 -19.71
N ALA A 210 13.36 22.77 -19.45
CA ALA A 210 13.47 21.46 -20.10
C ALA A 210 12.25 20.59 -19.77
N ARG A 211 11.59 20.07 -20.82
CA ARG A 211 10.41 19.24 -20.67
C ARG A 211 10.59 18.15 -19.61
N GLU A 212 11.75 17.50 -19.63
CA GLU A 212 12.02 16.35 -18.77
C GLU A 212 12.46 16.72 -17.36
N LYS A 213 12.39 18.00 -17.00
CA LYS A 213 12.78 18.44 -15.66
C LYS A 213 11.58 19.04 -14.94
N VAL A 214 10.41 18.87 -15.55
CA VAL A 214 9.16 19.34 -14.97
C VAL A 214 8.47 18.20 -14.21
N LEU A 215 8.02 18.53 -13.01
CA LEU A 215 7.20 17.66 -12.22
C LEU A 215 5.84 18.33 -12.00
N ILE A 216 4.77 17.53 -12.01
CA ILE A 216 3.44 18.08 -11.67
C ILE A 216 3.04 17.62 -10.26
N ASP A 217 2.53 18.56 -9.49
CA ASP A 217 2.16 18.35 -8.09
C ASP A 217 0.65 18.58 -7.99
N PRO A 218 -0.14 17.59 -8.42
CA PRO A 218 -1.58 17.76 -8.62
C PRO A 218 -2.34 17.95 -7.33
N ALA A 219 -1.83 17.39 -6.24
CA ALA A 219 -2.56 17.36 -4.97
C ALA A 219 -1.82 18.06 -3.83
N HIS A 220 -1.12 19.15 -4.14
CA HIS A 220 -0.30 19.79 -3.12
C HIS A 220 -1.09 20.20 -1.87
N ASP A 221 -0.60 19.79 -0.70
CA ASP A 221 -1.22 20.07 0.61
C ASP A 221 -2.70 19.67 0.77
N PHE A 222 -3.23 18.89 -0.18
CA PHE A 222 -4.66 18.58 -0.24
C PHE A 222 -5.26 17.85 0.97
N GLY A 223 -4.42 17.12 1.71
CA GLY A 223 -4.89 16.46 2.92
C GLY A 223 -5.50 15.11 2.60
N LYS A 224 -4.71 14.06 2.82
CA LYS A 224 -5.07 12.68 2.47
C LYS A 224 -6.44 12.26 2.98
N ASN A 225 -6.89 12.89 4.08
CA ASN A 225 -8.18 12.58 4.68
C ASN A 225 -9.35 13.46 4.24
N THR A 226 -9.08 14.52 3.48
CA THR A 226 -10.15 15.34 2.90
C THR A 226 -10.70 14.65 1.67
N PHE A 227 -11.90 15.03 1.25
CA PHE A 227 -12.59 14.43 0.12
C PHE A 227 -11.82 14.58 -1.21
N HIS A 228 -11.26 15.75 -1.47
CA HIS A 228 -10.51 15.97 -2.71
C HIS A 228 -9.20 15.22 -2.73
N GLY A 229 -8.56 15.15 -1.55
CA GLY A 229 -7.35 14.37 -1.39
C GLY A 229 -7.55 12.91 -1.78
N LEU A 230 -8.66 12.34 -1.32
CA LEU A 230 -9.02 10.97 -1.67
C LEU A 230 -9.38 10.85 -3.15
N LEU A 231 -10.05 11.88 -3.68
CA LEU A 231 -10.44 11.91 -5.09
C LEU A 231 -9.22 11.80 -6.02
N LEU A 232 -8.21 12.61 -5.74
CA LEU A 232 -7.01 12.64 -6.57
C LEU A 232 -6.17 11.40 -6.36
N LEU A 233 -6.27 10.80 -5.17
CA LEU A 233 -5.60 9.53 -4.92
C LEU A 233 -6.22 8.45 -5.80
N ARG A 234 -7.54 8.34 -5.77
CA ARG A 234 -8.24 7.42 -6.66
C ARG A 234 -7.89 7.64 -8.13
N HIS A 235 -7.55 8.87 -8.51
CA HIS A 235 -7.27 9.17 -9.90
C HIS A 235 -5.80 9.46 -10.19
N VAL A 236 -4.90 8.88 -9.39
CA VAL A 236 -3.47 9.03 -9.67
C VAL A 236 -3.12 8.54 -11.09
N ALA A 237 -3.73 7.43 -11.51
CA ALA A 237 -3.55 6.91 -12.87
C ALA A 237 -3.80 8.00 -13.90
N ASP A 238 -4.93 8.70 -13.80
CA ASP A 238 -5.24 9.79 -14.71
C ASP A 238 -4.18 10.88 -14.70
N LEU A 239 -3.61 11.15 -13.53
CA LEU A 239 -2.55 12.14 -13.42
C LEU A 239 -1.31 11.64 -14.15
N VAL A 240 -0.94 10.40 -13.85
CA VAL A 240 0.20 9.74 -14.47
C VAL A 240 0.05 9.65 -15.99
N MET A 241 -1.18 9.41 -16.45
CA MET A 241 -1.47 9.24 -17.87
C MET A 241 -1.23 10.50 -18.69
N THR A 242 -1.11 11.64 -18.02
CA THR A 242 -0.78 12.89 -18.70
C THR A 242 0.62 12.83 -19.28
N GLY A 243 1.45 11.94 -18.73
CA GLY A 243 2.83 11.79 -19.16
C GLY A 243 3.83 12.66 -18.42
N TRP A 244 3.36 13.63 -17.64
CA TRP A 244 4.27 14.39 -16.77
C TRP A 244 4.56 13.57 -15.52
N PRO A 245 5.80 13.62 -15.00
CA PRO A 245 6.08 12.89 -13.77
C PRO A 245 5.28 13.49 -12.63
N VAL A 246 4.68 12.63 -11.84
CA VAL A 246 3.76 13.05 -10.79
C VAL A 246 4.47 13.04 -9.44
N LEU A 247 4.53 14.21 -8.81
CA LEU A 247 4.94 14.32 -7.41
C LEU A 247 3.68 14.25 -6.52
N MET A 248 3.78 13.47 -5.44
CA MET A 248 2.73 13.36 -4.45
C MET A 248 3.19 14.03 -3.17
N ALA A 249 2.37 14.95 -2.66
CA ALA A 249 2.73 15.78 -1.52
C ALA A 249 1.54 16.12 -0.66
N LEU A 250 1.08 15.17 0.14
CA LEU A 250 0.03 15.49 1.12
C LEU A 250 0.58 15.24 2.53
N SER A 251 0.02 15.96 3.51
CA SER A 251 0.30 15.67 4.92
C SER A 251 -1.02 15.50 5.68
N ARG A 267 -2.39 9.79 10.55
CA ARG A 267 -2.04 8.50 11.11
C ARG A 267 -1.32 7.65 10.07
N LEU A 268 -0.21 7.03 10.49
CA LEU A 268 0.80 6.55 9.56
C LEU A 268 0.37 5.51 8.53
N GLU A 269 -0.43 4.54 8.94
CA GLU A 269 -0.78 3.42 8.04
C GLU A 269 -1.62 3.85 6.83
N GLY A 270 -2.46 4.85 7.01
CA GLY A 270 -3.23 5.41 5.89
C GLY A 270 -2.35 6.10 4.88
N THR A 271 -1.36 6.84 5.36
CA THR A 271 -0.39 7.54 4.52
C THR A 271 0.41 6.52 3.73
N LEU A 272 0.81 5.44 4.39
CA LEU A 272 1.63 4.44 3.72
C LEU A 272 0.80 3.66 2.73
N ALA A 273 -0.49 3.47 3.06
CA ALA A 273 -1.44 2.87 2.14
C ALA A 273 -1.57 3.73 0.87
N ALA A 274 -1.91 5.00 1.04
CA ALA A 274 -2.03 5.93 -0.09
C ALA A 274 -0.75 5.93 -0.92
N THR A 275 0.39 6.00 -0.24
CA THR A 275 1.69 5.98 -0.91
C THR A 275 1.81 4.70 -1.74
N ALA A 276 1.50 3.56 -1.14
CA ALA A 276 1.55 2.28 -1.87
C ALA A 276 0.69 2.34 -3.13
N LEU A 277 -0.53 2.84 -3.00
CA LEU A 277 -1.46 2.90 -4.13
C LEU A 277 -1.02 3.86 -5.22
N ALA A 278 -0.50 5.02 -4.81
CA ALA A 278 -0.02 6.02 -5.76
C ALA A 278 1.21 5.51 -6.51
N ALA A 279 2.11 4.82 -5.81
CA ALA A 279 3.34 4.34 -6.42
C ALA A 279 3.07 3.25 -7.45
N ALA A 280 2.18 2.32 -7.13
CA ALA A 280 1.80 1.27 -8.08
C ALA A 280 1.09 1.83 -9.31
N ALA A 281 0.52 3.01 -9.19
CA ALA A 281 -0.15 3.66 -10.32
C ALA A 281 0.84 4.45 -11.16
N GLY A 282 2.10 4.55 -10.68
CA GLY A 282 3.18 5.16 -11.45
C GLY A 282 3.56 6.57 -11.06
N ALA A 283 3.16 7.00 -9.86
CA ALA A 283 3.59 8.28 -9.35
C ALA A 283 5.09 8.23 -9.22
N ARG A 284 5.73 9.36 -9.52
CA ARG A 284 7.18 9.38 -9.67
C ARG A 284 7.88 9.67 -8.35
N MET A 285 7.33 10.60 -7.58
CA MET A 285 8.03 11.12 -6.44
C MET A 285 7.08 11.36 -5.28
N PHE A 286 7.61 11.27 -4.08
CA PHE A 286 6.85 11.47 -2.85
C PHE A 286 7.55 12.43 -1.92
N ARG A 287 6.89 13.55 -1.61
CA ARG A 287 7.42 14.53 -0.68
C ARG A 287 7.07 14.08 0.73
N VAL A 288 8.09 13.84 1.54
CA VAL A 288 7.89 13.27 2.87
C VAL A 288 8.76 13.95 3.93
N HIS A 289 8.43 13.70 5.20
CA HIS A 289 9.29 14.13 6.31
C HIS A 289 10.21 12.99 6.72
N GLU A 290 9.64 11.78 6.80
CA GLU A 290 10.37 10.59 7.21
C GLU A 290 10.59 9.69 5.99
N VAL A 291 11.86 9.57 5.61
CA VAL A 291 12.23 8.86 4.39
C VAL A 291 12.13 7.33 4.52
N ALA A 292 12.71 6.78 5.57
CA ALA A 292 12.83 5.33 5.73
C ALA A 292 11.52 4.56 5.48
N ALA A 293 10.45 4.89 6.22
CA ALA A 293 9.19 4.17 6.07
C ALA A 293 8.67 4.25 4.64
N THR A 294 8.68 5.45 4.06
CA THR A 294 8.22 5.63 2.69
C THR A 294 9.07 4.78 1.75
N ARG A 295 10.38 4.76 2.00
CA ARG A 295 11.31 4.00 1.18
C ARG A 295 10.92 2.54 1.15
N ARG A 296 10.66 1.97 2.33
CA ARG A 296 10.29 0.58 2.43
C ARG A 296 9.01 0.28 1.65
N VAL A 297 8.06 1.21 1.68
CA VAL A 297 6.81 1.03 0.95
C VAL A 297 7.09 0.97 -0.56
N LEU A 298 7.90 1.92 -1.03
CA LEU A 298 8.22 2.03 -2.43
C LEU A 298 9.06 0.84 -2.90
N GLU A 299 9.92 0.37 -2.02
CA GLU A 299 10.70 -0.82 -2.29
C GLU A 299 9.79 -2.04 -2.54
N MET A 300 8.82 -2.24 -1.67
CA MET A 300 7.90 -3.37 -1.78
C MET A 300 7.07 -3.29 -3.05
N VAL A 301 6.48 -2.13 -3.31
CA VAL A 301 5.73 -1.89 -4.52
C VAL A 301 6.62 -2.27 -5.72
N ALA A 302 7.84 -1.73 -5.73
CA ALA A 302 8.78 -1.98 -6.81
C ALA A 302 9.09 -3.47 -6.95
N SER A 303 9.17 -4.18 -5.83
CA SER A 303 9.51 -5.58 -5.92
C SER A 303 8.31 -6.46 -6.28
N ILE A 304 7.11 -6.04 -5.88
CA ILE A 304 5.86 -6.62 -6.39
C ILE A 304 5.73 -6.43 -7.91
N GLN A 305 6.11 -5.27 -8.42
CA GLN A 305 5.96 -5.02 -9.86
C GLN A 305 7.16 -5.53 -10.68
N GLY A 306 8.11 -6.14 -9.98
CA GLY A 306 9.21 -6.84 -10.61
C GLY A 306 10.37 -5.93 -10.97
N VAL A 307 10.27 -4.67 -10.56
CA VAL A 307 11.33 -3.70 -10.83
C VAL A 307 12.50 -3.95 -9.86
N ARG A 308 12.18 -4.28 -8.61
CA ARG A 308 13.16 -4.82 -7.67
C ARG A 308 13.06 -6.34 -7.57
N PRO A 309 14.16 -7.01 -7.19
CA PRO A 309 14.14 -8.46 -6.97
C PRO A 309 13.45 -8.84 -5.65
N PRO A 310 13.14 -10.14 -5.47
CA PRO A 310 12.76 -10.58 -4.14
C PRO A 310 13.91 -10.37 -3.15
N THR A 311 13.58 -10.00 -1.92
CA THR A 311 14.56 -9.97 -0.83
C THR A 311 14.69 -11.35 -0.17
N HIS B 29 -23.67 -3.64 6.58
CA HIS B 29 -22.70 -4.76 6.79
C HIS B 29 -23.05 -6.00 5.94
N SER B 30 -22.01 -6.63 5.38
CA SER B 30 -22.15 -7.90 4.66
C SER B 30 -22.27 -9.10 5.61
N THR B 31 -22.57 -10.27 5.03
CA THR B 31 -22.53 -11.53 5.77
C THR B 31 -21.59 -12.50 5.07
N LEU B 32 -20.69 -13.12 5.84
CA LEU B 32 -19.92 -14.26 5.38
C LEU B 32 -20.29 -15.43 6.27
N CYS B 33 -20.52 -16.59 5.66
CA CYS B 33 -20.96 -17.79 6.39
C CYS B 33 -22.05 -17.49 7.40
N GLY B 34 -23.03 -16.66 7.01
CA GLY B 34 -24.16 -16.34 7.88
C GLY B 34 -23.85 -15.44 9.07
N ARG B 35 -22.63 -14.91 9.12
CA ARG B 35 -22.20 -14.04 10.22
C ARG B 35 -21.98 -12.59 9.77
N PRO B 36 -22.36 -11.63 10.63
CA PRO B 36 -22.09 -10.22 10.39
C PRO B 36 -20.59 -9.99 10.18
N VAL B 37 -20.28 -9.20 9.16
CA VAL B 37 -18.93 -9.01 8.70
C VAL B 37 -18.90 -7.59 8.13
N ALA B 38 -17.76 -6.89 8.26
CA ALA B 38 -17.65 -5.51 7.79
C ALA B 38 -18.15 -5.39 6.35
N GLY B 39 -18.89 -4.32 6.05
CA GLY B 39 -19.44 -4.11 4.71
C GLY B 39 -18.78 -3.00 3.90
N ASP B 40 -17.95 -2.20 4.54
CA ASP B 40 -17.36 -1.01 3.94
C ASP B 40 -15.84 -1.14 3.75
N ARG B 41 -15.34 -2.38 3.73
CA ARG B 41 -13.92 -2.67 3.52
C ARG B 41 -13.70 -4.17 3.38
N ALA B 42 -12.50 -4.55 2.94
CA ALA B 42 -12.05 -5.91 2.96
C ALA B 42 -12.00 -6.43 4.40
N LEU B 43 -12.10 -7.75 4.56
CA LEU B 43 -12.25 -8.33 5.88
C LEU B 43 -10.94 -8.75 6.47
N ILE B 44 -10.94 -8.85 7.81
CA ILE B 44 -9.76 -9.24 8.57
C ILE B 44 -9.98 -10.56 9.31
N MET B 45 -9.10 -11.52 9.07
CA MET B 45 -9.05 -12.77 9.83
C MET B 45 -7.92 -12.67 10.86
N ALA B 46 -8.28 -12.70 12.13
CA ALA B 46 -7.33 -12.54 13.22
C ALA B 46 -6.83 -13.90 13.70
N ILE B 47 -5.52 -14.11 13.64
CA ILE B 47 -4.90 -15.35 14.11
C ILE B 47 -4.82 -15.36 15.64
N VAL B 48 -5.48 -16.34 16.25
CA VAL B 48 -5.41 -16.52 17.70
C VAL B 48 -4.97 -17.94 18.03
N ASN B 49 -3.84 -18.04 18.74
CA ASN B 49 -3.32 -19.33 19.20
C ASN B 49 -3.47 -19.51 20.71
N ARG B 50 -3.73 -20.75 21.12
CA ARG B 50 -3.65 -21.14 22.53
C ARG B 50 -2.18 -21.28 22.94
N THR B 51 -1.92 -21.48 24.23
CA THR B 51 -0.56 -21.76 24.71
C THR B 51 -0.54 -22.63 25.98
N ASP B 64 -4.18 -18.84 27.86
CA ASP B 64 -5.58 -19.02 28.27
C ASP B 64 -6.28 -17.69 28.45
N ALA B 65 -5.91 -16.95 29.49
CA ALA B 65 -6.33 -15.56 29.65
C ALA B 65 -5.78 -14.74 28.48
N ALA B 66 -4.49 -14.92 28.18
CA ALA B 66 -3.85 -14.30 27.03
C ALA B 66 -4.59 -14.61 25.73
N ALA B 67 -5.02 -15.86 25.56
CA ALA B 67 -5.80 -16.24 24.38
C ALA B 67 -7.16 -15.56 24.36
N ARG B 68 -7.82 -15.54 25.52
CA ARG B 68 -9.09 -14.85 25.69
C ARG B 68 -8.92 -13.38 25.33
N ASP B 69 -7.87 -12.76 25.87
CA ASP B 69 -7.58 -11.37 25.62
C ASP B 69 -7.29 -11.13 24.15
N ALA B 70 -6.52 -12.03 23.55
CA ALA B 70 -6.20 -11.96 22.11
C ALA B 70 -7.47 -11.85 21.29
N VAL B 71 -8.46 -12.67 21.63
CA VAL B 71 -9.76 -12.61 20.97
C VAL B 71 -10.42 -11.26 21.24
N HIS B 72 -10.52 -10.89 22.51
CA HIS B 72 -11.19 -9.64 22.87
C HIS B 72 -10.62 -8.46 22.11
N ARG B 73 -9.29 -8.46 21.94
CA ARG B 73 -8.60 -7.36 21.27
C ARG B 73 -8.93 -7.36 19.77
N ALA B 74 -8.85 -8.53 19.14
CA ALA B 74 -9.14 -8.65 17.72
C ALA B 74 -10.57 -8.22 17.38
N VAL B 75 -11.53 -8.65 18.18
CA VAL B 75 -12.91 -8.22 18.00
C VAL B 75 -13.02 -6.70 18.13
N ALA B 76 -12.43 -6.18 19.21
CA ALA B 76 -12.44 -4.75 19.52
C ALA B 76 -11.86 -3.91 18.38
N ASP B 77 -10.90 -4.48 17.65
CA ASP B 77 -10.21 -3.78 16.59
C ASP B 77 -10.82 -4.10 15.24
N GLY B 78 -11.92 -4.87 15.26
CA GLY B 78 -12.72 -5.09 14.05
C GLY B 78 -12.38 -6.31 13.23
N ALA B 79 -11.87 -7.36 13.87
CA ALA B 79 -11.64 -8.63 13.19
C ALA B 79 -12.97 -9.21 12.72
N ASP B 80 -13.01 -9.67 11.48
CA ASP B 80 -14.23 -10.20 10.92
C ASP B 80 -14.29 -11.70 11.14
N VAL B 81 -13.09 -12.31 11.19
CA VAL B 81 -12.95 -13.71 11.49
C VAL B 81 -11.90 -13.86 12.59
N ILE B 82 -12.17 -14.74 13.54
CA ILE B 82 -11.15 -15.16 14.49
C ILE B 82 -10.73 -16.55 14.05
N ASP B 83 -9.46 -16.68 13.70
CA ASP B 83 -8.90 -17.92 13.21
C ASP B 83 -8.16 -18.61 14.35
N VAL B 84 -8.78 -19.65 14.92
CA VAL B 84 -8.27 -20.34 16.10
C VAL B 84 -7.29 -21.44 15.72
N GLY B 85 -6.09 -21.39 16.28
CA GLY B 85 -5.05 -22.39 16.03
C GLY B 85 -4.42 -22.94 17.30
N GLY B 86 -3.36 -23.74 17.14
CA GLY B 86 -2.70 -24.37 18.28
C GLY B 86 -1.19 -24.17 18.29
N VAL B 95 1.24 -32.97 17.09
CA VAL B 95 1.58 -33.66 18.34
C VAL B 95 0.59 -34.81 18.64
N ASP B 96 -0.71 -34.53 18.54
CA ASP B 96 -1.78 -35.49 18.73
C ASP B 96 -3.02 -35.07 17.95
N VAL B 97 -4.06 -35.89 18.02
CA VAL B 97 -5.38 -35.52 17.51
C VAL B 97 -6.33 -35.41 18.68
N ASP B 98 -6.24 -36.37 19.60
CA ASP B 98 -7.08 -36.44 20.79
C ASP B 98 -6.87 -35.20 21.66
N THR B 99 -5.61 -34.87 21.92
CA THR B 99 -5.25 -33.74 22.76
C THR B 99 -5.54 -32.41 22.06
N GLU B 100 -5.30 -32.36 20.75
CA GLU B 100 -5.56 -31.16 19.95
C GLU B 100 -7.04 -30.76 20.00
N ILE B 101 -7.92 -31.76 20.00
CA ILE B 101 -9.36 -31.53 20.17
C ILE B 101 -9.64 -30.92 21.54
N THR B 102 -9.08 -31.52 22.59
CA THR B 102 -9.26 -31.04 23.96
C THR B 102 -8.54 -29.71 24.21
N ARG B 103 -7.93 -29.16 23.16
CA ARG B 103 -7.35 -27.82 23.21
C ARG B 103 -8.20 -26.80 22.45
N LEU B 104 -8.72 -27.18 21.29
CA LEU B 104 -9.50 -26.26 20.45
C LEU B 104 -10.95 -26.13 20.86
N VAL B 105 -11.56 -27.24 21.25
CA VAL B 105 -13.00 -27.30 21.51
C VAL B 105 -13.47 -26.36 22.64
N PRO B 106 -12.85 -26.45 23.84
CA PRO B 106 -13.30 -25.54 24.89
C PRO B 106 -13.10 -24.07 24.50
N PHE B 107 -12.04 -23.80 23.73
CA PHE B 107 -11.73 -22.44 23.32
C PHE B 107 -12.75 -21.91 22.30
N ILE B 108 -13.09 -22.74 21.30
CA ILE B 108 -14.15 -22.40 20.35
C ILE B 108 -15.48 -22.27 21.11
N GLU B 109 -15.76 -23.23 21.99
CA GLU B 109 -16.94 -23.19 22.84
C GLU B 109 -17.04 -21.88 23.59
N TRP B 110 -15.94 -21.47 24.22
CA TRP B 110 -15.88 -20.20 24.95
C TRP B 110 -16.09 -19.02 24.01
N LEU B 111 -15.42 -19.07 22.85
CA LEU B 111 -15.44 -17.96 21.90
C LEU B 111 -16.86 -17.73 21.41
N ARG B 112 -17.54 -18.81 21.05
CA ARG B 112 -18.92 -18.76 20.59
C ARG B 112 -19.83 -18.21 21.68
N GLY B 113 -19.52 -18.56 22.93
CA GLY B 113 -20.28 -18.10 24.09
C GLY B 113 -20.17 -16.59 24.27
N ALA B 114 -18.94 -16.08 24.13
CA ALA B 114 -18.64 -14.67 24.37
C ALA B 114 -19.11 -13.80 23.21
N TYR B 115 -18.91 -14.30 22.01
CA TYR B 115 -19.24 -13.57 20.80
C TYR B 115 -20.12 -14.42 19.89
N PRO B 116 -21.44 -14.40 20.14
CA PRO B 116 -22.37 -15.27 19.42
C PRO B 116 -22.39 -15.02 17.92
N ASP B 117 -22.17 -13.77 17.51
CA ASP B 117 -22.27 -13.41 16.10
C ASP B 117 -20.91 -13.31 15.40
N GLN B 118 -19.88 -13.84 16.05
CA GLN B 118 -18.52 -13.74 15.52
C GLN B 118 -18.28 -14.89 14.56
N LEU B 119 -17.69 -14.59 13.43
CA LEU B 119 -17.37 -15.65 12.50
C LEU B 119 -16.07 -16.30 12.97
N ILE B 120 -16.14 -17.59 13.27
CA ILE B 120 -15.00 -18.33 13.79
C ILE B 120 -14.48 -19.30 12.73
N SER B 121 -13.16 -19.28 12.52
CA SER B 121 -12.54 -20.29 11.67
C SER B 121 -11.52 -21.11 12.45
N VAL B 122 -11.33 -22.34 12.03
CA VAL B 122 -10.37 -23.23 12.68
C VAL B 122 -9.17 -23.48 11.75
N ASP B 123 -7.98 -23.20 12.28
CA ASP B 123 -6.73 -23.49 11.58
C ASP B 123 -6.29 -24.94 11.79
N THR B 124 -6.79 -25.84 10.93
CA THR B 124 -6.45 -27.26 11.01
C THR B 124 -6.39 -27.91 9.63
N TRP B 125 -5.54 -28.92 9.49
CA TRP B 125 -5.44 -29.68 8.26
C TRP B 125 -6.07 -31.06 8.41
N ARG B 126 -6.39 -31.43 9.65
CA ARG B 126 -6.96 -32.74 9.98
C ARG B 126 -8.48 -32.72 10.06
N ALA B 127 -9.12 -33.62 9.32
CA ALA B 127 -10.58 -33.70 9.23
C ALA B 127 -11.26 -33.99 10.57
N GLN B 128 -10.67 -34.88 11.37
CA GLN B 128 -11.17 -35.21 12.69
C GLN B 128 -11.20 -33.95 13.58
N VAL B 129 -10.15 -33.14 13.47
CA VAL B 129 -10.02 -31.92 14.25
C VAL B 129 -11.05 -30.88 13.81
N ALA B 130 -11.23 -30.73 12.50
CA ALA B 130 -12.23 -29.83 11.94
C ALA B 130 -13.65 -30.22 12.32
N LYS B 131 -13.89 -31.54 12.40
CA LYS B 131 -15.20 -32.08 12.76
C LYS B 131 -15.68 -31.54 14.10
N ALA B 132 -14.90 -31.77 15.16
CA ALA B 132 -15.26 -31.34 16.51
C ALA B 132 -15.28 -29.82 16.63
N ALA B 133 -14.44 -29.15 15.86
CA ALA B 133 -14.34 -27.69 15.89
C ALA B 133 -15.59 -27.02 15.33
N CYS B 134 -16.10 -27.58 14.22
CA CYS B 134 -17.36 -27.13 13.66
C CYS B 134 -18.53 -27.37 14.62
N ALA B 135 -18.49 -28.53 15.29
CA ALA B 135 -19.49 -28.88 16.29
C ALA B 135 -19.43 -27.91 17.45
N ALA B 136 -18.22 -27.50 17.81
CA ALA B 136 -18.00 -26.56 18.89
C ALA B 136 -18.54 -25.16 18.56
N GLY B 137 -18.63 -24.86 17.27
CA GLY B 137 -19.19 -23.58 16.80
C GLY B 137 -18.46 -22.91 15.64
N ALA B 138 -17.40 -23.55 15.12
CA ALA B 138 -16.64 -22.97 14.01
C ALA B 138 -17.50 -22.92 12.75
N ASP B 139 -17.33 -21.85 11.98
CA ASP B 139 -18.15 -21.59 10.81
C ASP B 139 -17.37 -21.87 9.53
N LEU B 140 -16.04 -21.86 9.65
CA LEU B 140 -15.17 -21.89 8.50
C LEU B 140 -13.98 -22.77 8.81
N ILE B 141 -13.65 -23.69 7.91
CA ILE B 141 -12.42 -24.45 8.06
C ILE B 141 -11.31 -23.78 7.25
N ASN B 142 -10.23 -23.45 7.95
CA ASN B 142 -9.07 -22.87 7.32
C ASN B 142 -7.98 -23.93 7.20
N ASP B 143 -8.10 -24.76 6.15
CA ASP B 143 -7.10 -25.77 5.85
C ASP B 143 -5.82 -25.10 5.39
N THR B 144 -4.92 -24.89 6.35
CA THR B 144 -3.69 -24.15 6.14
C THR B 144 -2.64 -24.90 5.30
N TRP B 145 -2.90 -26.19 5.04
CA TRP B 145 -1.98 -27.03 4.26
C TRP B 145 -2.39 -27.16 2.77
N GLY B 146 -3.69 -27.33 2.53
CA GLY B 146 -4.21 -27.30 1.16
C GLY B 146 -5.22 -28.38 0.82
N GLY B 147 -5.10 -29.53 1.49
CA GLY B 147 -5.98 -30.65 1.20
C GLY B 147 -5.30 -31.98 1.38
N VAL B 148 -4.37 -32.04 2.33
CA VAL B 148 -3.67 -33.28 2.68
C VAL B 148 -4.67 -34.33 3.13
N ASP B 149 -5.78 -33.89 3.73
CA ASP B 149 -6.86 -34.77 4.11
C ASP B 149 -8.00 -34.66 3.09
N PRO B 150 -8.18 -35.71 2.26
CA PRO B 150 -9.25 -35.71 1.25
C PRO B 150 -10.66 -35.65 1.85
N ALA B 151 -10.80 -36.08 3.11
CA ALA B 151 -12.08 -36.08 3.80
C ALA B 151 -12.55 -34.69 4.23
N MET B 152 -11.66 -33.70 4.14
CA MET B 152 -11.93 -32.35 4.63
C MET B 152 -13.17 -31.66 4.02
N PRO B 153 -13.31 -31.64 2.68
CA PRO B 153 -14.50 -31.01 2.11
C PRO B 153 -15.80 -31.67 2.59
N GLU B 154 -15.78 -33.01 2.72
CA GLU B 154 -16.92 -33.75 3.27
C GLU B 154 -17.35 -33.18 4.61
N VAL B 155 -16.37 -32.91 5.48
CA VAL B 155 -16.63 -32.38 6.83
C VAL B 155 -17.34 -31.03 6.77
N ALA B 156 -16.81 -30.10 5.97
CA ALA B 156 -17.42 -28.79 5.78
C ALA B 156 -18.86 -28.90 5.30
N ALA B 157 -19.09 -29.82 4.36
CA ALA B 157 -20.39 -30.05 3.76
C ALA B 157 -21.43 -30.48 4.80
N GLU B 158 -21.07 -31.50 5.59
CA GLU B 158 -21.95 -32.06 6.63
C GLU B 158 -22.36 -31.02 7.68
N PHE B 159 -21.39 -30.21 8.12
CA PHE B 159 -21.65 -29.22 9.17
C PHE B 159 -22.14 -27.88 8.63
N GLY B 160 -22.22 -27.75 7.31
CA GLY B 160 -22.61 -26.48 6.69
C GLY B 160 -21.59 -25.41 7.00
N ALA B 161 -20.32 -25.80 7.00
CA ALA B 161 -19.22 -24.89 7.23
C ALA B 161 -18.53 -24.52 5.93
N GLY B 162 -17.99 -23.31 5.88
CA GLY B 162 -17.18 -22.88 4.75
C GLY B 162 -15.80 -23.52 4.77
N LEU B 163 -15.08 -23.38 3.66
CA LEU B 163 -13.76 -23.95 3.55
C LEU B 163 -12.81 -23.00 2.82
N VAL B 164 -11.59 -22.92 3.33
CA VAL B 164 -10.53 -22.19 2.64
C VAL B 164 -9.77 -23.17 1.76
N CYS B 165 -9.76 -22.89 0.46
CA CYS B 165 -8.96 -23.68 -0.47
C CYS B 165 -7.64 -22.97 -0.69
N ALA B 166 -6.58 -23.53 -0.12
CA ALA B 166 -5.28 -22.91 -0.18
C ALA B 166 -4.35 -23.58 -1.19
N HIS B 167 -3.39 -22.81 -1.68
CA HIS B 167 -2.33 -23.33 -2.55
C HIS B 167 -1.06 -23.47 -1.72
N THR B 168 -0.55 -24.70 -1.67
CA THR B 168 0.64 -25.06 -0.90
C THR B 168 1.90 -24.40 -1.49
N TYR B 182 8.46 -27.67 -21.47
CA TYR B 182 8.91 -26.74 -20.45
C TYR B 182 10.03 -25.82 -20.96
N GLY B 183 10.03 -24.56 -20.54
CA GLY B 183 9.09 -24.05 -19.53
C GLY B 183 7.95 -23.20 -20.06
N THR B 184 7.13 -22.71 -19.14
CA THR B 184 6.03 -21.83 -19.47
C THR B 184 6.26 -20.43 -18.90
N THR B 185 5.76 -19.43 -19.63
CA THR B 185 5.93 -18.02 -19.28
C THR B 185 5.52 -17.66 -17.84
N THR B 186 6.02 -16.53 -17.37
CA THR B 186 5.69 -15.97 -16.06
C THR B 186 4.18 -15.76 -15.88
N ARG B 187 3.47 -15.60 -16.99
CA ARG B 187 2.00 -15.57 -16.98
C ARG B 187 1.43 -16.95 -16.62
N GLY B 188 2.03 -18.00 -17.18
CA GLY B 188 1.62 -19.38 -16.94
C GLY B 188 1.71 -19.82 -15.49
N VAL B 189 2.70 -19.29 -14.78
CA VAL B 189 2.89 -19.59 -13.36
C VAL B 189 1.65 -19.18 -12.57
N VAL B 190 1.11 -18.01 -12.92
CA VAL B 190 -0.10 -17.49 -12.31
C VAL B 190 -1.30 -18.36 -12.68
N ASP B 191 -1.41 -18.69 -13.96
CA ASP B 191 -2.52 -19.52 -14.45
C ASP B 191 -2.48 -20.95 -13.88
N ALA B 192 -1.27 -21.44 -13.61
CA ALA B 192 -1.07 -22.73 -12.96
C ALA B 192 -1.60 -22.73 -11.54
N VAL B 193 -1.42 -21.61 -10.84
CA VAL B 193 -1.94 -21.45 -9.48
C VAL B 193 -3.46 -21.31 -9.54
N ILE B 194 -3.94 -20.33 -10.30
CA ILE B 194 -5.37 -20.09 -10.51
C ILE B 194 -6.12 -21.38 -10.81
N SER B 195 -5.53 -22.22 -11.66
CA SER B 195 -6.13 -23.49 -12.02
C SER B 195 -6.25 -24.41 -10.81
N GLN B 196 -5.17 -24.55 -10.05
CA GLN B 196 -5.14 -25.50 -8.93
C GLN B 196 -6.04 -25.12 -7.76
N VAL B 197 -6.14 -23.82 -7.45
CA VAL B 197 -7.05 -23.38 -6.39
C VAL B 197 -8.50 -23.38 -6.87
N THR B 198 -8.68 -23.13 -8.17
CA THR B 198 -10.00 -23.02 -8.75
C THR B 198 -10.66 -24.41 -8.80
N ALA B 199 -9.83 -25.43 -9.01
CA ALA B 199 -10.25 -26.83 -9.00
C ALA B 199 -10.55 -27.27 -7.56
N ALA B 200 -9.69 -26.86 -6.64
CA ALA B 200 -9.89 -27.09 -5.21
C ALA B 200 -11.23 -26.54 -4.73
N ALA B 201 -11.56 -25.33 -5.19
CA ALA B 201 -12.85 -24.71 -4.91
C ALA B 201 -14.03 -25.48 -5.49
N GLU B 202 -13.92 -25.89 -6.75
CA GLU B 202 -14.99 -26.64 -7.40
C GLU B 202 -15.19 -28.01 -6.78
N ARG B 203 -14.07 -28.66 -6.40
CA ARG B 203 -14.11 -29.96 -5.75
C ARG B 203 -14.76 -29.89 -4.38
N ALA B 204 -14.60 -28.76 -3.71
CA ALA B 204 -15.30 -28.54 -2.45
C ALA B 204 -16.80 -28.34 -2.67
N VAL B 205 -17.15 -27.50 -3.64
CA VAL B 205 -18.56 -27.20 -3.92
C VAL B 205 -19.33 -28.46 -4.33
N ALA B 206 -18.71 -29.30 -5.17
CA ALA B 206 -19.31 -30.55 -5.63
C ALA B 206 -19.44 -31.58 -4.50
N ALA B 207 -18.60 -31.44 -3.46
CA ALA B 207 -18.68 -32.28 -2.26
C ALA B 207 -19.86 -31.90 -1.36
N GLY B 208 -20.42 -30.70 -1.57
CA GLY B 208 -21.58 -30.24 -0.79
C GLY B 208 -21.30 -29.04 0.10
N VAL B 209 -20.21 -28.33 -0.19
CA VAL B 209 -19.89 -27.10 0.51
C VAL B 209 -20.58 -25.96 -0.23
N ALA B 210 -21.33 -25.14 0.49
CA ALA B 210 -22.03 -24.02 -0.11
C ALA B 210 -21.04 -23.14 -0.88
N ARG B 211 -21.41 -22.78 -2.10
CA ARG B 211 -20.53 -22.02 -2.98
C ARG B 211 -20.02 -20.73 -2.32
N GLU B 212 -20.92 -19.99 -1.67
CA GLU B 212 -20.59 -18.69 -1.10
C GLU B 212 -19.69 -18.74 0.13
N LYS B 213 -19.60 -19.92 0.75
CA LYS B 213 -18.79 -20.09 1.94
C LYS B 213 -17.36 -20.54 1.61
N VAL B 214 -17.06 -20.68 0.32
CA VAL B 214 -15.72 -21.07 -0.11
C VAL B 214 -14.86 -19.85 -0.40
N LEU B 215 -13.69 -19.78 0.24
CA LEU B 215 -12.70 -18.75 -0.03
C LEU B 215 -11.45 -19.40 -0.63
N ILE B 216 -10.71 -18.66 -1.45
CA ILE B 216 -9.48 -19.19 -2.01
C ILE B 216 -8.26 -18.44 -1.50
N ASP B 217 -7.22 -19.21 -1.16
CA ASP B 217 -5.99 -18.67 -0.60
C ASP B 217 -4.80 -19.09 -1.47
N PRO B 218 -4.56 -18.36 -2.57
CA PRO B 218 -3.62 -18.72 -3.61
C PRO B 218 -2.15 -18.57 -3.22
N ALA B 219 -1.84 -17.71 -2.26
CA ALA B 219 -0.45 -17.43 -1.93
C ALA B 219 -0.06 -17.75 -0.50
N HIS B 220 -0.62 -18.84 0.05
CA HIS B 220 -0.42 -19.17 1.46
C HIS B 220 1.03 -19.42 1.87
N ASP B 221 1.37 -18.98 3.09
CA ASP B 221 2.68 -19.20 3.73
C ASP B 221 3.89 -18.58 3.03
N PHE B 222 3.72 -18.22 1.76
CA PHE B 222 4.80 -17.66 0.94
C PHE B 222 5.47 -16.46 1.60
N GLY B 223 4.67 -15.62 2.26
CA GLY B 223 5.19 -14.48 3.00
C GLY B 223 5.66 -13.34 2.13
N LYS B 224 6.41 -12.42 2.73
CA LYS B 224 6.79 -11.17 2.09
C LYS B 224 7.45 -11.31 0.70
N ASN B 225 8.67 -11.85 0.67
CA ASN B 225 9.53 -11.74 -0.52
C ASN B 225 10.17 -13.03 -1.05
N THR B 226 9.37 -13.82 -1.77
CA THR B 226 9.89 -14.88 -2.64
C THR B 226 9.32 -14.59 -4.02
N PHE B 227 10.01 -15.04 -5.07
CA PHE B 227 9.53 -14.71 -6.41
C PHE B 227 8.07 -15.09 -6.64
N HIS B 228 7.72 -16.33 -6.32
CA HIS B 228 6.35 -16.81 -6.46
C HIS B 228 5.38 -15.94 -5.70
N GLY B 229 5.73 -15.59 -4.47
CA GLY B 229 4.91 -14.71 -3.64
C GLY B 229 4.59 -13.39 -4.31
N LEU B 230 5.64 -12.61 -4.58
CA LEU B 230 5.51 -11.32 -5.25
C LEU B 230 4.72 -11.37 -6.56
N LEU B 231 4.97 -12.41 -7.37
CA LEU B 231 4.23 -12.59 -8.62
C LEU B 231 2.75 -12.67 -8.36
N LEU B 232 2.37 -13.61 -7.48
CA LEU B 232 0.97 -13.78 -7.18
C LEU B 232 0.39 -12.49 -6.64
N LEU B 233 1.17 -11.78 -5.84
CA LEU B 233 0.78 -10.45 -5.36
C LEU B 233 0.51 -9.50 -6.52
N ARG B 234 1.42 -9.48 -7.49
CA ARG B 234 1.26 -8.64 -8.66
C ARG B 234 -0.05 -8.98 -9.39
N HIS B 235 -0.47 -10.22 -9.26
CA HIS B 235 -1.59 -10.73 -10.06
C HIS B 235 -2.87 -10.99 -9.26
N VAL B 236 -2.94 -10.43 -8.05
CA VAL B 236 -4.13 -10.55 -7.21
C VAL B 236 -5.40 -10.33 -8.02
N ALA B 237 -5.49 -9.21 -8.75
CA ALA B 237 -6.61 -8.93 -9.67
C ALA B 237 -7.06 -10.15 -10.46
N ASP B 238 -6.09 -10.87 -11.03
CA ASP B 238 -6.37 -12.10 -11.76
C ASP B 238 -7.01 -13.15 -10.84
N LEU B 239 -6.44 -13.33 -9.64
CA LEU B 239 -7.04 -14.21 -8.64
C LEU B 239 -8.47 -13.78 -8.31
N VAL B 240 -8.67 -12.49 -8.08
CA VAL B 240 -9.97 -11.92 -7.73
C VAL B 240 -10.98 -12.15 -8.86
N MET B 241 -10.52 -11.95 -10.09
CA MET B 241 -11.35 -12.12 -11.28
C MET B 241 -11.88 -13.53 -11.50
N THR B 242 -11.35 -14.51 -10.77
CA THR B 242 -11.87 -15.89 -10.80
C THR B 242 -13.28 -15.94 -10.24
N GLY B 243 -13.61 -14.97 -9.39
CA GLY B 243 -14.96 -14.86 -8.82
C GLY B 243 -15.09 -15.41 -7.42
N TRP B 244 -14.06 -16.11 -6.96
CA TRP B 244 -13.98 -16.61 -5.59
C TRP B 244 -13.40 -15.53 -4.68
N PRO B 245 -13.92 -15.42 -3.45
CA PRO B 245 -13.33 -14.47 -2.50
C PRO B 245 -11.85 -14.84 -2.29
N VAL B 246 -10.98 -13.85 -2.30
CA VAL B 246 -9.57 -14.14 -2.15
C VAL B 246 -9.09 -13.80 -0.75
N LEU B 247 -8.41 -14.78 -0.14
CA LEU B 247 -7.78 -14.63 1.16
C LEU B 247 -6.29 -14.42 0.96
N MET B 248 -5.75 -13.41 1.61
CA MET B 248 -4.32 -13.17 1.60
C MET B 248 -3.71 -13.47 2.96
N ALA B 249 -2.53 -14.09 2.93
CA ALA B 249 -1.72 -14.34 4.12
C ALA B 249 -0.37 -13.63 3.96
N LEU B 250 -0.39 -12.30 4.06
CA LEU B 250 0.78 -11.45 3.80
C LEU B 250 1.74 -11.32 4.97
N SER B 251 1.32 -11.76 6.15
CA SER B 251 2.03 -11.52 7.41
C SER B 251 3.48 -12.05 7.47
N ASN B 252 4.23 -11.58 8.48
CA ASN B 252 5.65 -11.90 8.69
C ASN B 252 6.54 -11.66 7.47
N GLU B 266 9.75 -2.41 10.61
CA GLU B 266 10.53 -2.37 9.37
C GLU B 266 10.05 -3.41 8.35
N ARG B 267 9.65 -4.58 8.84
CA ARG B 267 9.04 -5.60 8.00
C ARG B 267 7.62 -5.17 7.66
N LEU B 268 7.00 -4.45 8.59
CA LEU B 268 5.57 -4.14 8.52
C LEU B 268 5.20 -3.15 7.41
N GLU B 269 6.13 -2.27 7.07
CA GLU B 269 5.93 -1.35 5.95
C GLU B 269 5.60 -2.12 4.68
N GLY B 270 6.45 -3.06 4.31
CA GLY B 270 6.24 -3.90 3.13
C GLY B 270 4.98 -4.74 3.19
N THR B 271 4.66 -5.23 4.39
CA THR B 271 3.44 -5.99 4.60
C THR B 271 2.22 -5.11 4.39
N LEU B 272 2.28 -3.88 4.89
CA LEU B 272 1.15 -2.98 4.71
C LEU B 272 1.01 -2.54 3.26
N ALA B 273 2.14 -2.30 2.59
CA ALA B 273 2.13 -1.95 1.19
C ALA B 273 1.46 -3.04 0.37
N ALA B 274 1.86 -4.28 0.60
CA ALA B 274 1.29 -5.45 -0.08
C ALA B 274 -0.20 -5.58 0.26
N THR B 275 -0.55 -5.29 1.50
CA THR B 275 -1.94 -5.38 1.93
C THR B 275 -2.74 -4.39 1.10
N ALA B 276 -2.27 -3.15 1.07
CA ALA B 276 -2.93 -2.07 0.35
C ALA B 276 -3.18 -2.45 -1.09
N LEU B 277 -2.12 -2.85 -1.78
CA LEU B 277 -2.21 -3.30 -3.16
C LEU B 277 -3.19 -4.44 -3.34
N ALA B 278 -3.09 -5.46 -2.49
CA ALA B 278 -3.96 -6.62 -2.59
C ALA B 278 -5.42 -6.21 -2.40
N ALA B 279 -5.67 -5.37 -1.38
CA ALA B 279 -7.00 -4.85 -1.12
C ALA B 279 -7.52 -4.03 -2.29
N ALA B 280 -6.64 -3.29 -2.98
CA ALA B 280 -7.07 -2.43 -4.08
C ALA B 280 -7.42 -3.25 -5.31
N ALA B 281 -6.89 -4.47 -5.39
CA ALA B 281 -7.16 -5.33 -6.52
C ALA B 281 -8.38 -6.23 -6.27
N GLY B 282 -8.95 -6.16 -5.07
CA GLY B 282 -10.23 -6.81 -4.79
C GLY B 282 -10.19 -8.03 -3.90
N ALA B 283 -9.06 -8.25 -3.23
CA ALA B 283 -8.93 -9.31 -2.24
C ALA B 283 -10.03 -9.13 -1.17
N ARG B 284 -10.67 -10.21 -0.74
CA ARG B 284 -11.77 -10.06 0.19
C ARG B 284 -11.34 -10.09 1.67
N MET B 285 -10.32 -10.88 1.98
CA MET B 285 -9.95 -11.15 3.36
C MET B 285 -8.43 -11.17 3.57
N PHE B 286 -8.01 -10.82 4.78
CA PHE B 286 -6.60 -10.78 5.13
C PHE B 286 -6.36 -11.45 6.47
N ARG B 287 -5.50 -12.45 6.46
CA ARG B 287 -5.12 -13.17 7.67
C ARG B 287 -3.93 -12.48 8.33
N VAL B 288 -4.13 -12.00 9.55
CA VAL B 288 -3.13 -11.19 10.24
C VAL B 288 -3.03 -11.55 11.72
N HIS B 289 -1.92 -11.15 12.33
CA HIS B 289 -1.80 -11.16 13.79
C HIS B 289 -2.25 -9.80 14.33
N GLU B 290 -1.72 -8.73 13.75
CA GLU B 290 -2.05 -7.36 14.17
C GLU B 290 -3.26 -6.90 13.38
N VAL B 291 -4.39 -6.82 14.07
CA VAL B 291 -5.66 -6.46 13.45
C VAL B 291 -5.77 -4.97 13.13
N ALA B 292 -5.43 -4.10 14.08
CA ALA B 292 -5.60 -2.66 13.93
C ALA B 292 -4.82 -2.02 12.75
N ALA B 293 -3.54 -2.37 12.59
CA ALA B 293 -2.74 -1.79 11.52
C ALA B 293 -3.34 -2.14 10.17
N THR B 294 -3.79 -3.38 10.06
CA THR B 294 -4.42 -3.85 8.84
C THR B 294 -5.75 -3.15 8.64
N ARG B 295 -6.54 -3.04 9.71
CA ARG B 295 -7.84 -2.39 9.58
C ARG B 295 -7.68 -0.99 9.00
N ARG B 296 -6.70 -0.24 9.52
CA ARG B 296 -6.47 1.13 9.10
C ARG B 296 -6.03 1.24 7.63
N VAL B 297 -5.29 0.25 7.14
CA VAL B 297 -4.88 0.22 5.74
C VAL B 297 -6.10 -0.01 4.85
N LEU B 298 -6.87 -1.07 5.15
CA LEU B 298 -8.08 -1.40 4.43
C LEU B 298 -9.12 -0.29 4.43
N GLU B 299 -9.18 0.48 5.52
CA GLU B 299 -10.06 1.65 5.58
C GLU B 299 -9.60 2.72 4.58
N MET B 300 -8.30 2.89 4.46
CA MET B 300 -7.76 3.93 3.60
C MET B 300 -7.97 3.55 2.13
N VAL B 301 -7.72 2.28 1.81
CA VAL B 301 -7.97 1.74 0.48
C VAL B 301 -9.44 1.93 0.13
N ALA B 302 -10.30 1.55 1.07
CA ALA B 302 -11.73 1.70 0.88
C ALA B 302 -12.13 3.16 0.66
N SER B 303 -11.56 4.08 1.45
CA SER B 303 -11.83 5.51 1.31
C SER B 303 -11.38 6.05 -0.05
N ILE B 304 -10.16 5.71 -0.45
CA ILE B 304 -9.63 6.11 -1.74
C ILE B 304 -10.53 5.62 -2.86
N GLN B 305 -10.89 4.33 -2.82
CA GLN B 305 -11.66 3.72 -3.91
C GLN B 305 -13.15 4.04 -3.92
N GLY B 306 -13.72 4.39 -2.77
CA GLY B 306 -15.18 4.42 -2.63
C GLY B 306 -15.87 5.66 -2.07
N VAL B 307 -15.11 6.70 -1.71
CA VAL B 307 -15.71 7.91 -1.14
C VAL B 307 -16.30 8.83 -2.23
N ARG B 308 -17.63 8.94 -2.25
CA ARG B 308 -18.28 9.66 -3.35
C ARG B 308 -19.37 10.68 -2.96
N PRO B 309 -19.69 10.83 -1.65
CA PRO B 309 -20.72 11.82 -1.30
C PRO B 309 -20.16 13.19 -0.89
N PRO B 310 -20.05 14.14 -1.85
CA PRO B 310 -19.47 15.45 -1.54
C PRO B 310 -20.50 16.41 -0.95
C1 EDO C . 5.15 15.68 -20.86
O1 EDO C . 6.19 15.13 -21.67
C2 EDO C . 3.87 15.87 -21.68
O2 EDO C . 3.45 14.59 -22.20
C1 EDO D . 7.39 0.13 -14.23
O1 EDO D . 8.07 -0.34 -15.41
C2 EDO D . 6.49 -0.96 -13.63
O2 EDO D . 5.72 -1.62 -14.65
C1 EDO E . 13.33 0.03 -16.72
O1 EDO E . 13.97 1.29 -16.99
C2 EDO E . 13.51 -0.93 -17.90
O2 EDO E . 14.38 -2.00 -17.52
C1 EDO F . -19.13 -17.85 -8.01
O1 EDO F . -18.47 -17.78 -6.74
C2 EDO F . -18.13 -18.15 -9.12
O2 EDO F . -17.34 -19.29 -8.78
#